data_7FP2
#
_entry.id   7FP2
#
_cell.length_a   89.106
_cell.length_b   81.407
_cell.length_c   92.804
_cell.angle_alpha   90
_cell.angle_beta   108.13
_cell.angle_gamma   90
#
_symmetry.space_group_name_H-M   'C 1 2 1'
#
loop_
_entity.id
_entity.type
_entity.pdbx_description
1 polymer 'Pre-mRNA-splicing factor 8'
2 polymer 'A1 cistron-splicing factor AAR2'
3 non-polymer 2-{[(5-amino-2-chlorophenyl)methyl](methyl)amino}ethan-1-ol
4 water water
#
loop_
_entity_poly.entity_id
_entity_poly.type
_entity_poly.pdbx_seq_one_letter_code
_entity_poly.pdbx_strand_id
1 'polypeptide(L)'
;GAMNSSNYAELFNNDIKLFVDDTNVYRVTVHKTFEGNVATKAINGCIFTLNPKTGHLFLKIIHTSVWAGQKRLSQLAKWK
TAEEVSALVRSLPKEEQPKQIIVTRKAMLDPLEVHMLDFPNIAIRPTELRLPFSAAMSIDKLSDVVMKATEPQMVLFNIY
DDWLDRISSYTAFSRLTLLLRALKTNEESAKMILLSDPTITIKSYHLWPSFTDEQWITIESQMRDLILTEYGRKYNVNIS
ALTQTEIKDIILGQNIKA
;
A
2 'polypeptide(L)'
;GAMAMNTVPFTSAPIEVTIGIDQYSFNVKENQPFHGIKDIPIGHVHVIHFQHADNSSMRYGYWFDCRMGNFYIQYDPKDG
LYKMMEERDGAKFENIVHNFKERQMMVSYPKIDEDDTWYNLTEFVQMDKIRKIVRKDENQFSYVDSSMTTVQENELSSSS
SDPAHSLNYTVINFKSREAIRPGHEMEDFLDKSYYLNTVMLQGIFKNSSNYFGELQFAFLNAMFFGNYGSSLQWHAMIEL
ICSSATVPKHMLDKLDEILYYQIKTLPEQYSDILLNERVWNICLYSSFQKNSLHNTEKIMENKYPELL
;
B
#
loop_
_chem_comp.id
_chem_comp.type
_chem_comp.name
_chem_comp.formula
WDC non-polymer 2-{[(5-amino-2-chlorophenyl)methyl](methyl)amino}ethan-1-ol 'C10 H15 Cl N2 O'
#
# COMPACT_ATOMS: atom_id res chain seq x y z
N GLY A 1 15.47 -3.83 4.09
CA GLY A 1 15.05 -3.97 2.71
C GLY A 1 15.33 -5.34 2.13
N ALA A 2 15.74 -5.39 0.86
CA ALA A 2 15.91 -6.65 0.16
C ALA A 2 17.27 -7.28 0.45
N MET A 3 17.29 -8.60 0.50
CA MET A 3 18.51 -9.33 0.72
C MET A 3 19.18 -9.60 -0.63
N ASN A 4 20.49 -9.35 -0.73
CA ASN A 4 21.16 -9.47 -2.04
C ASN A 4 22.65 -9.80 -1.83
N SER A 5 23.41 -9.77 -2.93
CA SER A 5 24.84 -10.08 -2.87
C SER A 5 25.53 -9.32 -1.75
N SER A 6 25.15 -8.06 -1.54
CA SER A 6 25.93 -7.18 -0.69
C SER A 6 25.71 -7.44 0.78
N ASN A 7 24.56 -7.99 1.18
CA ASN A 7 24.29 -8.25 2.59
C ASN A 7 24.09 -9.74 2.85
N TYR A 8 24.84 -10.56 2.12
CA TYR A 8 24.72 -12.01 2.20
C TYR A 8 25.09 -12.54 3.59
N ALA A 9 26.14 -12.00 4.20
CA ALA A 9 26.61 -12.53 5.48
C ALA A 9 25.62 -12.30 6.62
N GLU A 10 24.62 -11.42 6.45
CA GLU A 10 23.64 -11.25 7.51
C GLU A 10 22.92 -12.56 7.82
N LEU A 11 22.83 -13.46 6.85
CA LEU A 11 22.13 -14.73 7.03
C LEU A 11 22.75 -15.58 8.12
N PHE A 12 24.01 -15.34 8.44
CA PHE A 12 24.73 -16.23 9.33
C PHE A 12 25.06 -15.56 10.66
N ASN A 13 24.47 -14.42 10.93
CA ASN A 13 24.67 -13.78 12.23
C ASN A 13 23.71 -14.40 13.23
N ASN A 14 23.64 -13.85 14.42
CA ASN A 14 22.92 -14.52 15.50
C ASN A 14 21.49 -14.00 15.69
N ASP A 15 20.96 -13.25 14.73
CA ASP A 15 19.57 -12.84 14.73
C ASP A 15 18.76 -13.94 14.02
N ILE A 16 17.81 -14.52 14.71
CA ILE A 16 17.04 -15.62 14.12
C ILE A 16 16.34 -15.12 12.88
N LYS A 17 16.45 -15.87 11.79
CA LYS A 17 15.73 -15.57 10.58
C LYS A 17 15.31 -16.84 9.86
N LEU A 18 14.26 -16.70 9.09
CA LEU A 18 13.81 -17.82 8.27
C LEU A 18 13.64 -17.38 6.84
N PHE A 19 14.09 -18.24 5.94
CA PHE A 19 13.68 -18.19 4.56
C PHE A 19 12.37 -18.93 4.41
N VAL A 20 11.41 -18.34 3.69
CA VAL A 20 10.20 -19.05 3.27
C VAL A 20 10.18 -19.16 1.75
N ASP A 21 10.03 -20.38 1.26
CA ASP A 21 9.84 -20.61 -0.16
C ASP A 21 8.49 -21.28 -0.39
N ASP A 22 7.67 -20.67 -1.23
CA ASP A 22 6.33 -21.18 -1.55
C ASP A 22 6.20 -21.88 -2.89
N THR A 23 7.31 -22.11 -3.59
N THR A 23 7.32 -22.16 -3.57
CA THR A 23 7.21 -22.60 -4.96
CA THR A 23 7.24 -22.61 -4.97
C THR A 23 6.46 -23.93 -5.01
C THR A 23 6.71 -24.03 -5.12
N ASN A 24 6.74 -24.81 -4.06
CA ASN A 24 6.22 -26.18 -4.09
C ASN A 24 4.94 -26.36 -3.28
N VAL A 25 4.25 -25.26 -2.95
CA VAL A 25 3.04 -25.33 -2.14
C VAL A 25 1.88 -25.86 -2.97
N TYR A 26 1.65 -25.24 -4.14
CA TYR A 26 0.57 -25.64 -5.05
C TYR A 26 1.22 -26.31 -6.25
N ARG A 27 1.01 -27.63 -6.36
CA ARG A 27 1.61 -28.43 -7.41
C ARG A 27 0.52 -29.19 -8.15
N VAL A 28 0.62 -29.19 -9.48
CA VAL A 28 -0.34 -29.91 -10.31
C VAL A 28 0.34 -30.73 -11.40
N THR A 29 -0.37 -31.75 -11.85
CA THR A 29 -0.12 -32.41 -13.13
C THR A 29 -1.20 -31.91 -14.06
N VAL A 30 -0.85 -31.69 -15.31
CA VAL A 30 -1.78 -31.20 -16.32
C VAL A 30 -2.04 -32.36 -17.26
N HIS A 31 -3.32 -32.64 -17.54
CA HIS A 31 -3.66 -33.81 -18.33
C HIS A 31 -4.85 -33.52 -19.21
N LYS A 32 -5.11 -34.43 -20.16
CA LYS A 32 -6.25 -34.31 -21.06
C LYS A 32 -7.47 -35.02 -20.47
N THR A 33 -8.63 -34.40 -20.63
CA THR A 33 -9.88 -35.04 -20.23
C THR A 33 -10.42 -35.92 -21.37
N PHE A 34 -11.41 -36.76 -21.05
CA PHE A 34 -11.93 -37.66 -22.07
C PHE A 34 -12.45 -36.87 -23.26
N GLU A 35 -13.04 -35.70 -23.00
CA GLU A 35 -13.52 -34.83 -24.05
C GLU A 35 -12.41 -34.12 -24.78
N GLY A 36 -11.16 -34.34 -24.40
CA GLY A 36 -10.06 -33.66 -25.05
C GLY A 36 -9.82 -32.26 -24.56
N ASN A 37 -10.41 -31.87 -23.44
CA ASN A 37 -10.02 -30.63 -22.79
C ASN A 37 -8.87 -30.90 -21.83
N VAL A 38 -8.32 -29.84 -21.25
CA VAL A 38 -7.24 -29.96 -20.28
C VAL A 38 -7.80 -29.66 -18.90
N ALA A 39 -7.30 -30.39 -17.91
CA ALA A 39 -7.64 -30.23 -16.52
C ALA A 39 -6.36 -30.42 -15.71
N THR A 40 -6.37 -29.89 -14.50
CA THR A 40 -5.27 -30.10 -13.58
C THR A 40 -5.71 -31.08 -12.51
N LYS A 41 -4.75 -31.86 -12.02
CA LYS A 41 -4.93 -32.62 -10.78
C LYS A 41 -3.86 -32.16 -9.80
N ALA A 42 -4.29 -31.67 -8.65
CA ALA A 42 -3.37 -31.25 -7.60
C ALA A 42 -2.67 -32.47 -7.01
N ILE A 43 -1.41 -32.29 -6.62
CA ILE A 43 -0.69 -33.27 -5.83
C ILE A 43 -0.15 -32.57 -4.60
N ASN A 44 0.24 -33.36 -3.62
CA ASN A 44 0.67 -32.79 -2.36
C ASN A 44 1.84 -31.84 -2.57
N GLY A 45 1.84 -30.81 -1.74
CA GLY A 45 2.92 -29.85 -1.75
C GLY A 45 3.58 -29.65 -0.42
N CYS A 46 4.41 -28.61 -0.35
CA CYS A 46 5.09 -28.27 0.89
C CYS A 46 5.52 -26.82 0.87
N ILE A 47 5.56 -26.24 2.06
CA ILE A 47 6.19 -24.97 2.34
C ILE A 47 7.60 -25.28 2.82
N PHE A 48 8.56 -24.55 2.29
CA PHE A 48 9.95 -24.74 2.62
C PHE A 48 10.38 -23.56 3.48
N THR A 49 10.48 -23.79 4.77
CA THR A 49 10.81 -22.73 5.73
C THR A 49 12.13 -23.11 6.39
N LEU A 50 13.18 -22.33 6.14
CA LEU A 50 14.53 -22.78 6.47
C LEU A 50 15.24 -21.76 7.35
N ASN A 51 15.85 -22.20 8.46
CA ASN A 51 16.73 -21.32 9.23
C ASN A 51 18.13 -21.52 8.64
N PRO A 52 18.70 -20.53 7.95
CA PRO A 52 19.96 -20.77 7.25
C PRO A 52 21.15 -20.89 8.19
N LYS A 53 21.00 -20.45 9.43
CA LYS A 53 22.11 -20.49 10.39
C LYS A 53 22.22 -21.88 10.98
N THR A 54 21.09 -22.51 11.26
CA THR A 54 21.12 -23.77 11.98
C THR A 54 20.81 -24.95 11.08
N GLY A 55 20.24 -24.71 9.92
CA GLY A 55 19.79 -25.77 9.05
C GLY A 55 18.44 -26.31 9.37
N HIS A 56 17.71 -25.72 10.30
CA HIS A 56 16.32 -26.18 10.62
C HIS A 56 15.42 -26.06 9.39
N LEU A 57 14.88 -27.13 8.83
CA LEU A 57 13.87 -27.05 7.76
C LEU A 57 12.51 -27.44 8.37
N PHE A 58 11.62 -26.48 8.62
CA PHE A 58 10.23 -26.71 9.08
C PHE A 58 9.45 -27.01 7.78
N LEU A 59 9.21 -28.26 7.43
CA LEU A 59 8.62 -28.66 6.15
C LEU A 59 7.14 -28.86 6.40
N LYS A 60 6.34 -27.90 6.01
CA LYS A 60 4.90 -28.01 6.16
C LYS A 60 4.32 -28.67 4.92
N ILE A 61 3.79 -29.86 5.09
CA ILE A 61 3.19 -30.58 3.98
C ILE A 61 1.78 -30.07 3.74
N ILE A 62 1.51 -29.78 2.47
CA ILE A 62 0.27 -29.19 2.01
C ILE A 62 -0.44 -30.33 1.27
N HIS A 63 -1.42 -30.89 1.95
CA HIS A 63 -2.21 -31.98 1.39
C HIS A 63 -3.22 -31.44 0.37
N THR A 64 -3.47 -32.22 -0.70
CA THR A 64 -4.37 -31.72 -1.74
C THR A 64 -5.76 -31.36 -1.23
N SER A 65 -6.21 -31.92 -0.10
CA SER A 65 -7.51 -31.61 0.45
C SER A 65 -7.70 -30.13 0.74
N VAL A 66 -6.63 -29.38 0.99
N VAL A 66 -6.60 -29.42 1.02
CA VAL A 66 -6.79 -27.97 1.32
CA VAL A 66 -6.61 -27.97 1.26
C VAL A 66 -7.25 -27.14 0.10
C VAL A 66 -7.32 -27.23 0.13
N TRP A 67 -7.09 -27.66 -1.10
CA TRP A 67 -7.57 -26.97 -2.29
C TRP A 67 -9.02 -27.32 -2.64
N ALA A 68 -9.63 -28.29 -1.96
CA ALA A 68 -10.93 -28.78 -2.43
C ALA A 68 -11.98 -27.65 -2.37
N GLY A 69 -12.66 -27.43 -3.49
CA GLY A 69 -13.71 -26.43 -3.53
C GLY A 69 -13.25 -24.99 -3.51
N GLN A 70 -11.96 -24.76 -3.65
CA GLN A 70 -11.42 -23.41 -3.69
C GLN A 70 -11.16 -22.96 -5.13
N LYS A 71 -11.29 -21.65 -5.33
CA LYS A 71 -10.99 -20.99 -6.59
C LYS A 71 -9.68 -20.22 -6.48
N ARG A 72 -9.08 -19.97 -7.65
CA ARG A 72 -7.88 -19.12 -7.77
C ARG A 72 -6.76 -19.66 -6.91
N LEU A 73 -6.42 -20.93 -7.16
CA LEU A 73 -5.57 -21.66 -6.24
C LEU A 73 -4.15 -21.07 -6.18
N SER A 74 -3.60 -20.57 -7.29
CA SER A 74 -2.27 -19.97 -7.18
C SER A 74 -2.26 -18.77 -6.24
N GLN A 75 -3.35 -18.00 -6.19
CA GLN A 75 -3.40 -16.89 -5.24
C GLN A 75 -3.69 -17.39 -3.84
N LEU A 76 -4.55 -18.38 -3.71
CA LEU A 76 -4.82 -18.93 -2.39
C LEU A 76 -3.55 -19.52 -1.78
N ALA A 77 -2.71 -20.13 -2.62
CA ALA A 77 -1.50 -20.82 -2.17
C ALA A 77 -0.55 -19.88 -1.45
N LYS A 78 -0.47 -18.63 -1.93
CA LYS A 78 0.34 -17.64 -1.24
C LYS A 78 -0.24 -17.28 0.11
N TRP A 79 -1.57 -17.17 0.21
CA TRP A 79 -2.19 -16.86 1.51
C TRP A 79 -2.13 -18.04 2.46
N LYS A 80 -2.32 -19.25 1.94
CA LYS A 80 -2.17 -20.45 2.75
C LYS A 80 -0.74 -20.56 3.30
N THR A 81 0.26 -20.28 2.45
CA THR A 81 1.64 -20.24 2.91
C THR A 81 1.79 -19.26 4.07
N ALA A 82 1.32 -18.04 3.85
CA ALA A 82 1.41 -17.03 4.89
C ALA A 82 0.69 -17.45 6.16
N GLU A 83 -0.48 -18.10 6.02
CA GLU A 83 -1.22 -18.58 7.19
C GLU A 83 -0.39 -19.61 7.98
N GLU A 84 0.21 -20.56 7.27
CA GLU A 84 1.00 -21.61 7.92
C GLU A 84 2.29 -21.04 8.55
N VAL A 85 2.93 -20.08 7.90
CA VAL A 85 4.15 -19.49 8.48
C VAL A 85 3.80 -18.72 9.74
N SER A 86 2.72 -17.94 9.72
N SER A 86 2.72 -17.93 9.69
CA SER A 86 2.33 -17.21 10.91
CA SER A 86 2.25 -17.21 10.87
C SER A 86 1.90 -18.15 12.03
C SER A 86 1.94 -18.18 11.99
N ALA A 87 1.23 -19.26 11.67
CA ALA A 87 0.92 -20.27 12.68
C ALA A 87 2.21 -20.85 13.28
N LEU A 88 3.19 -21.13 12.44
CA LEU A 88 4.47 -21.64 12.93
C LEU A 88 5.13 -20.67 13.90
N VAL A 89 5.20 -19.39 13.53
CA VAL A 89 5.82 -18.42 14.43
C VAL A 89 5.06 -18.39 15.73
N ARG A 90 3.73 -18.37 15.67
CA ARG A 90 2.94 -18.30 16.90
C ARG A 90 3.19 -19.53 17.76
N SER A 91 3.44 -20.67 17.13
CA SER A 91 3.73 -21.89 17.88
C SER A 91 5.10 -21.87 18.56
N LEU A 92 5.96 -21.00 18.18
CA LEU A 92 7.31 -21.05 18.73
C LEU A 92 7.41 -20.19 19.97
N PRO A 93 8.24 -20.55 20.93
CA PRO A 93 8.48 -19.67 22.07
C PRO A 93 9.02 -18.36 21.56
N LYS A 94 8.76 -17.29 22.31
CA LYS A 94 9.19 -15.95 21.94
C LYS A 94 10.66 -15.91 21.58
N GLU A 95 11.51 -16.54 22.38
CA GLU A 95 12.95 -16.46 22.13
C GLU A 95 13.39 -17.30 20.94
N GLU A 96 12.52 -18.14 20.35
CA GLU A 96 12.81 -18.81 19.07
C GLU A 96 12.15 -18.15 17.87
N GLN A 97 11.30 -17.18 18.07
CA GLN A 97 10.67 -16.58 16.92
C GLN A 97 11.69 -15.79 16.09
N PRO A 98 11.53 -15.77 14.78
CA PRO A 98 12.48 -15.06 13.93
C PRO A 98 12.32 -13.57 14.11
N LYS A 99 13.42 -12.87 13.93
N LYS A 99 13.43 -12.86 13.92
CA LYS A 99 13.39 -11.41 13.84
CA LYS A 99 13.39 -11.40 13.83
C LYS A 99 13.10 -10.93 12.43
C LYS A 99 13.10 -10.92 12.42
N GLN A 100 13.41 -11.76 11.43
CA GLN A 100 13.17 -11.46 10.03
C GLN A 100 12.69 -12.75 9.37
N ILE A 101 11.81 -12.57 8.39
CA ILE A 101 11.41 -13.65 7.48
C ILE A 101 11.71 -13.15 6.08
N ILE A 102 12.56 -13.86 5.37
CA ILE A 102 12.90 -13.55 3.98
C ILE A 102 12.13 -14.46 3.03
N VAL A 103 11.30 -13.87 2.16
CA VAL A 103 10.51 -14.66 1.21
C VAL A 103 11.27 -14.73 -0.09
N THR A 104 11.26 -15.88 -0.71
CA THR A 104 12.01 -16.00 -1.94
C THR A 104 11.31 -15.45 -3.15
N ARG A 105 10.01 -15.18 -3.06
CA ARG A 105 9.28 -14.55 -4.16
C ARG A 105 8.48 -13.35 -3.65
N LYS A 106 8.51 -12.26 -4.42
CA LYS A 106 7.95 -10.99 -3.95
C LYS A 106 6.44 -11.07 -3.73
N ALA A 107 5.77 -11.96 -4.44
CA ALA A 107 4.32 -12.06 -4.28
C ALA A 107 3.91 -12.55 -2.89
N MET A 108 4.84 -13.13 -2.12
CA MET A 108 4.59 -13.50 -0.74
C MET A 108 4.64 -12.33 0.22
N LEU A 109 5.12 -11.15 -0.18
CA LEU A 109 5.32 -10.10 0.81
C LEU A 109 4.00 -9.67 1.44
N ASP A 110 3.02 -9.30 0.61
CA ASP A 110 1.78 -8.79 1.17
C ASP A 110 1.02 -9.89 1.93
N PRO A 111 0.82 -11.08 1.37
CA PRO A 111 0.19 -12.15 2.17
C PRO A 111 0.85 -12.33 3.53
N LEU A 112 2.19 -12.41 3.55
CA LEU A 112 2.84 -12.65 4.84
C LEU A 112 2.76 -11.44 5.75
N GLU A 113 2.98 -10.22 5.22
CA GLU A 113 2.85 -9.04 6.08
C GLU A 113 1.46 -9.01 6.76
N VAL A 114 0.40 -9.25 5.99
CA VAL A 114 -0.95 -9.20 6.52
C VAL A 114 -1.14 -10.28 7.59
N HIS A 115 -0.68 -11.49 7.32
CA HIS A 115 -0.78 -12.53 8.34
C HIS A 115 0.08 -12.26 9.57
N MET A 116 1.12 -11.43 9.46
CA MET A 116 2.02 -11.17 10.57
C MET A 116 1.79 -9.82 11.20
N LEU A 117 0.60 -9.23 10.99
CA LEU A 117 0.32 -7.92 11.57
C LEU A 117 0.48 -7.92 13.08
N ASP A 118 0.18 -9.04 13.72
CA ASP A 118 0.35 -9.22 15.16
C ASP A 118 1.82 -9.14 15.59
N PHE A 119 2.76 -9.25 14.66
CA PHE A 119 4.19 -9.27 14.94
C PHE A 119 4.85 -8.09 14.24
N PRO A 120 4.51 -6.87 14.63
CA PRO A 120 5.04 -5.68 13.92
C PRO A 120 6.55 -5.61 13.94
N ASN A 121 7.20 -6.31 14.86
CA ASN A 121 8.63 -6.28 15.01
C ASN A 121 9.37 -7.37 14.21
N ILE A 122 8.66 -8.26 13.52
CA ILE A 122 9.30 -9.18 12.58
C ILE A 122 9.34 -8.53 11.20
N ALA A 123 10.55 -8.34 10.67
CA ALA A 123 10.73 -7.74 9.37
C ALA A 123 10.47 -8.78 8.27
N ILE A 124 9.58 -8.46 7.34
CA ILE A 124 9.32 -9.32 6.18
C ILE A 124 10.10 -8.76 5.00
N ARG A 125 11.02 -9.55 4.45
CA ARG A 125 11.94 -9.02 3.46
C ARG A 125 11.91 -9.86 2.18
N PRO A 126 12.01 -9.22 1.02
CA PRO A 126 12.28 -9.94 -0.22
C PRO A 126 13.78 -10.17 -0.37
N THR A 127 14.15 -10.83 -1.46
CA THR A 127 15.56 -11.00 -1.80
C THR A 127 15.75 -10.94 -3.29
N GLU A 128 16.90 -10.38 -3.69
N GLU A 128 16.89 -10.38 -3.70
CA GLU A 128 17.35 -10.33 -5.08
CA GLU A 128 17.28 -10.38 -5.12
C GLU A 128 18.07 -11.60 -5.50
C GLU A 128 18.02 -11.63 -5.51
N LEU A 129 18.32 -12.52 -4.57
CA LEU A 129 18.95 -13.78 -4.91
C LEU A 129 17.96 -14.73 -5.58
N ARG A 130 18.51 -15.52 -6.50
CA ARG A 130 17.75 -16.54 -7.22
C ARG A 130 18.07 -17.90 -6.60
N LEU A 131 17.51 -18.09 -5.41
CA LEU A 131 17.87 -19.28 -4.60
C LEU A 131 17.17 -20.53 -5.12
N PRO A 132 17.81 -21.68 -5.07
CA PRO A 132 17.27 -22.86 -5.76
C PRO A 132 16.37 -23.72 -4.89
N PHE A 133 15.61 -23.13 -3.96
CA PHE A 133 14.85 -23.95 -3.02
C PHE A 133 13.72 -24.72 -3.65
N SER A 134 13.27 -24.36 -4.86
CA SER A 134 12.28 -25.18 -5.54
C SER A 134 12.79 -26.60 -5.74
N ALA A 135 14.11 -26.78 -5.84
CA ALA A 135 14.62 -28.12 -5.99
C ALA A 135 14.54 -28.96 -4.72
N ALA A 136 13.96 -28.47 -3.61
CA ALA A 136 13.87 -29.30 -2.41
C ALA A 136 13.12 -30.60 -2.65
N MET A 137 12.21 -30.63 -3.63
CA MET A 137 11.51 -31.86 -3.90
C MET A 137 12.34 -32.83 -4.72
N SER A 138 13.58 -32.50 -5.05
CA SER A 138 14.51 -33.46 -5.63
C SER A 138 15.34 -34.15 -4.56
N ILE A 139 15.17 -33.78 -3.30
CA ILE A 139 15.77 -34.55 -2.21
C ILE A 139 14.81 -35.69 -1.90
N ASP A 140 15.29 -36.92 -2.10
CA ASP A 140 14.42 -38.08 -2.12
C ASP A 140 13.56 -38.18 -0.87
N LYS A 141 14.19 -38.00 0.29
CA LYS A 141 13.45 -38.21 1.53
C LYS A 141 12.41 -37.11 1.77
N LEU A 142 12.67 -35.89 1.29
CA LEU A 142 11.67 -34.84 1.42
C LEU A 142 10.49 -35.10 0.48
N SER A 143 10.78 -35.45 -0.77
CA SER A 143 9.72 -35.79 -1.70
C SER A 143 8.89 -36.96 -1.19
N ASP A 144 9.53 -37.93 -0.55
CA ASP A 144 8.82 -39.14 -0.12
C ASP A 144 7.82 -38.81 0.98
N VAL A 145 8.19 -37.96 1.93
CA VAL A 145 7.27 -37.66 3.02
C VAL A 145 6.11 -36.80 2.51
N VAL A 146 6.39 -35.94 1.55
CA VAL A 146 5.34 -35.11 0.98
C VAL A 146 4.33 -35.98 0.23
N MET A 147 4.84 -36.86 -0.63
N MET A 147 4.82 -36.87 -0.64
N MET A 147 4.81 -36.86 -0.64
CA MET A 147 4.00 -37.69 -1.50
CA MET A 147 3.93 -37.66 -1.48
CA MET A 147 3.88 -37.64 -1.46
C MET A 147 3.20 -38.71 -0.71
C MET A 147 3.16 -38.69 -0.68
C MET A 147 3.12 -38.68 -0.64
N LYS A 148 3.70 -39.14 0.46
CA LYS A 148 3.01 -40.15 1.26
C LYS A 148 1.98 -39.56 2.21
N ALA A 149 2.03 -38.26 2.48
CA ALA A 149 1.13 -37.66 3.46
C ALA A 149 -0.33 -37.83 3.04
N THR A 150 -1.15 -38.24 3.99
CA THR A 150 -2.58 -38.37 3.78
C THR A 150 -3.36 -37.30 4.52
N GLU A 151 -2.66 -36.43 5.24
CA GLU A 151 -3.26 -35.32 5.96
C GLU A 151 -2.24 -34.23 6.04
N PRO A 152 -2.65 -33.01 6.39
CA PRO A 152 -1.65 -31.97 6.68
C PRO A 152 -0.70 -32.41 7.80
N GLN A 153 0.53 -31.96 7.70
CA GLN A 153 1.57 -32.50 8.57
C GLN A 153 2.78 -31.59 8.49
N MET A 154 3.39 -31.33 9.63
CA MET A 154 4.69 -30.65 9.73
C MET A 154 5.76 -31.68 10.03
N VAL A 155 6.80 -31.70 9.23
CA VAL A 155 8.00 -32.53 9.46
C VAL A 155 9.24 -31.66 9.61
N LEU A 156 10.19 -32.04 10.50
CA LEU A 156 11.44 -31.33 10.75
C LEU A 156 12.70 -32.09 10.23
N PHE A 157 13.47 -31.53 9.29
CA PHE A 157 14.74 -32.10 8.76
C PHE A 157 15.88 -31.12 9.10
N ASN A 158 17.07 -31.56 9.49
CA ASN A 158 18.21 -30.60 9.45
C ASN A 158 18.61 -30.73 8.00
N ILE A 159 18.50 -29.69 7.18
CA ILE A 159 18.92 -29.85 5.81
C ILE A 159 20.43 -29.90 5.63
N TYR A 160 21.19 -29.61 6.68
CA TYR A 160 22.65 -29.70 6.66
C TYR A 160 23.18 -31.00 7.27
N ASP A 161 22.29 -31.94 7.58
CA ASP A 161 22.71 -33.19 8.28
C ASP A 161 23.59 -32.78 9.45
N ASP A 162 24.78 -33.36 9.62
CA ASP A 162 25.68 -33.01 10.70
C ASP A 162 26.79 -32.07 10.24
N TRP A 163 26.58 -31.34 9.14
CA TRP A 163 27.71 -30.63 8.56
C TRP A 163 28.27 -29.58 9.53
N LEU A 164 27.43 -28.96 10.36
CA LEU A 164 27.89 -27.86 11.18
C LEU A 164 28.87 -28.30 12.25
N ASP A 165 28.99 -29.61 12.50
CA ASP A 165 30.03 -30.14 13.37
C ASP A 165 31.42 -29.88 12.81
N ARG A 166 31.51 -29.72 11.49
CA ARG A 166 32.79 -29.59 10.81
C ARG A 166 32.98 -28.31 10.04
N ILE A 167 31.90 -27.62 9.63
CA ILE A 167 31.98 -26.43 8.80
C ILE A 167 31.06 -25.36 9.35
N SER A 168 31.26 -24.14 8.86
CA SER A 168 30.44 -23.01 9.29
C SER A 168 29.09 -22.99 8.56
N SER A 169 28.14 -22.25 9.13
N SER A 169 28.15 -22.23 9.10
CA SER A 169 26.86 -22.07 8.47
CA SER A 169 26.85 -22.12 8.44
C SER A 169 27.03 -21.47 7.09
C SER A 169 26.98 -21.42 7.10
N TYR A 170 27.93 -20.49 6.96
CA TYR A 170 28.14 -19.89 5.65
C TYR A 170 28.51 -20.96 4.65
N THR A 171 29.44 -21.84 5.03
CA THR A 171 29.90 -22.86 4.11
C THR A 171 28.81 -23.90 3.89
N ALA A 172 28.06 -24.20 4.95
CA ALA A 172 26.97 -25.18 4.84
C ALA A 172 25.89 -24.70 3.90
N PHE A 173 25.53 -23.43 4.03
CA PHE A 173 24.57 -22.85 3.11
C PHE A 173 25.09 -22.83 1.69
N SER A 174 26.37 -22.48 1.48
CA SER A 174 26.92 -22.54 0.12
C SER A 174 26.85 -23.94 -0.48
N ARG A 175 27.19 -24.95 0.32
CA ARG A 175 27.07 -26.32 -0.16
C ARG A 175 25.62 -26.65 -0.51
N LEU A 176 24.70 -26.26 0.35
CA LEU A 176 23.30 -26.61 0.12
C LEU A 176 22.81 -25.97 -1.17
N THR A 177 23.12 -24.67 -1.35
CA THR A 177 22.67 -23.97 -2.54
C THR A 177 23.33 -24.56 -3.77
N LEU A 178 24.60 -24.96 -3.66
CA LEU A 178 25.23 -25.65 -4.79
C LEU A 178 24.54 -26.97 -5.14
N LEU A 179 24.29 -27.80 -4.14
CA LEU A 179 23.59 -29.06 -4.41
C LEU A 179 22.22 -28.78 -5.03
N LEU A 180 21.48 -27.86 -4.45
CA LEU A 180 20.14 -27.61 -4.95
C LEU A 180 20.18 -26.99 -6.34
N ARG A 181 21.07 -26.02 -6.56
CA ARG A 181 21.26 -25.50 -7.91
C ARG A 181 21.56 -26.61 -8.90
N ALA A 182 22.42 -27.58 -8.53
CA ALA A 182 22.72 -28.66 -9.45
C ALA A 182 21.50 -29.52 -9.70
N LEU A 183 20.81 -29.92 -8.64
CA LEU A 183 19.62 -30.72 -8.81
C LEU A 183 18.56 -30.00 -9.65
N LYS A 184 18.50 -28.68 -9.57
CA LYS A 184 17.52 -27.94 -10.37
C LYS A 184 17.92 -27.91 -11.85
N THR A 185 19.23 -27.82 -12.14
N THR A 185 19.22 -27.86 -12.13
CA THR A 185 19.68 -27.71 -13.53
CA THR A 185 19.67 -27.73 -13.51
C THR A 185 19.63 -29.07 -14.24
C THR A 185 19.63 -29.07 -14.24
N ASN A 186 20.02 -30.14 -13.54
CA ASN A 186 20.00 -31.47 -14.14
C ASN A 186 19.88 -32.46 -12.97
N GLU A 187 18.64 -32.85 -12.67
CA GLU A 187 18.42 -33.71 -11.51
C GLU A 187 19.12 -35.05 -11.68
N GLU A 188 18.96 -35.70 -12.84
CA GLU A 188 19.52 -37.03 -13.00
C GLU A 188 21.03 -37.02 -12.81
N SER A 189 21.71 -36.10 -13.47
CA SER A 189 23.15 -36.02 -13.33
C SER A 189 23.56 -35.71 -11.90
N ALA A 190 22.92 -34.72 -11.30
CA ALA A 190 23.21 -34.40 -9.90
C ALA A 190 23.04 -35.63 -9.01
N LYS A 191 21.93 -36.34 -9.17
CA LYS A 191 21.70 -37.52 -8.32
C LYS A 191 22.72 -38.61 -8.62
N MET A 192 23.10 -38.78 -9.89
CA MET A 192 24.16 -39.74 -10.19
CA MET A 192 24.18 -39.72 -10.23
C MET A 192 25.45 -39.37 -9.45
N ILE A 193 25.82 -38.09 -9.46
CA ILE A 193 27.02 -37.66 -8.75
C ILE A 193 26.96 -38.06 -7.28
N LEU A 194 25.84 -37.73 -6.63
CA LEU A 194 25.71 -37.94 -5.20
C LEU A 194 25.71 -39.40 -4.80
N LEU A 195 25.33 -40.31 -5.68
CA LEU A 195 25.07 -41.69 -5.30
C LEU A 195 25.92 -42.71 -6.03
N SER A 196 26.73 -42.31 -7.00
CA SER A 196 27.42 -43.27 -7.85
C SER A 196 28.28 -44.25 -7.04
N ASP A 197 28.75 -43.84 -5.85
CA ASP A 197 29.69 -44.64 -5.08
C ASP A 197 28.93 -45.40 -3.99
N PRO A 198 28.58 -46.68 -4.19
CA PRO A 198 27.69 -47.34 -3.24
C PRO A 198 28.22 -47.37 -1.83
N THR A 199 29.53 -47.23 -1.62
CA THR A 199 30.08 -47.36 -0.29
C THR A 199 29.78 -46.16 0.60
N ILE A 200 29.40 -45.02 0.02
CA ILE A 200 29.08 -43.83 0.78
C ILE A 200 27.57 -43.80 0.93
N THR A 201 27.08 -44.02 2.13
CA THR A 201 25.65 -44.17 2.33
C THR A 201 25.05 -42.91 2.97
N ILE A 202 23.71 -42.87 2.95
CA ILE A 202 22.94 -41.84 3.62
C ILE A 202 22.43 -42.40 4.94
N LYS A 203 22.75 -41.74 6.04
CA LYS A 203 22.32 -42.27 7.31
C LYS A 203 20.81 -42.17 7.39
N SER A 204 20.20 -43.07 8.16
CA SER A 204 18.76 -43.06 8.28
C SER A 204 18.22 -41.69 8.69
N TYR A 205 18.96 -40.97 9.55
CA TYR A 205 18.53 -39.67 10.03
C TYR A 205 19.11 -38.52 9.21
N HIS A 206 19.63 -38.78 8.02
CA HIS A 206 20.19 -37.75 7.16
C HIS A 206 19.48 -37.70 5.82
N LEU A 207 19.74 -36.62 5.13
CA LEU A 207 19.23 -36.43 3.79
C LEU A 207 20.26 -36.67 2.73
N TRP A 208 21.53 -36.40 3.04
CA TRP A 208 22.62 -36.48 2.08
C TRP A 208 23.61 -37.56 2.51
N PRO A 209 24.45 -38.01 1.61
CA PRO A 209 25.43 -39.03 1.95
C PRO A 209 26.51 -38.54 2.92
N SER A 210 27.10 -39.52 3.59
CA SER A 210 28.10 -39.30 4.63
C SER A 210 29.51 -39.11 4.04
N PHE A 211 29.67 -38.07 3.24
CA PHE A 211 30.98 -37.80 2.63
C PHE A 211 31.98 -37.31 3.67
N THR A 212 33.23 -37.78 3.55
CA THR A 212 34.34 -37.13 4.20
C THR A 212 34.54 -35.70 3.67
N ASP A 213 35.33 -34.91 4.40
CA ASP A 213 35.70 -33.58 3.93
C ASP A 213 36.26 -33.65 2.52
N GLU A 214 37.15 -34.62 2.28
CA GLU A 214 37.82 -34.70 0.99
C GLU A 214 36.83 -35.07 -0.09
N GLN A 215 35.91 -35.98 0.22
CA GLN A 215 34.92 -36.39 -0.75
C GLN A 215 33.94 -35.27 -1.06
N TRP A 216 33.64 -34.40 -0.08
CA TRP A 216 32.75 -33.27 -0.35
C TRP A 216 33.38 -32.29 -1.33
N ILE A 217 34.67 -32.01 -1.15
CA ILE A 217 35.36 -31.16 -2.11
C ILE A 217 35.23 -31.74 -3.49
N THR A 218 35.38 -33.06 -3.62
CA THR A 218 35.22 -33.69 -4.92
C THR A 218 33.78 -33.57 -5.41
N ILE A 219 32.82 -33.92 -4.56
CA ILE A 219 31.42 -33.75 -4.91
C ILE A 219 31.18 -32.31 -5.35
N GLU A 220 31.57 -31.36 -4.51
CA GLU A 220 31.29 -29.95 -4.81
C GLU A 220 31.87 -29.57 -6.16
N SER A 221 33.10 -30.04 -6.47
N SER A 221 33.09 -30.03 -6.46
CA SER A 221 33.69 -29.79 -7.78
CA SER A 221 33.66 -29.76 -7.78
C SER A 221 32.85 -30.39 -8.89
C SER A 221 32.81 -30.38 -8.89
N GLN A 222 32.36 -31.62 -8.71
CA GLN A 222 31.55 -32.26 -9.74
C GLN A 222 30.24 -31.50 -9.96
N MET A 223 29.66 -30.93 -8.90
CA MET A 223 28.42 -30.18 -9.03
C MET A 223 28.63 -28.87 -9.78
N ARG A 224 29.76 -28.20 -9.53
N ARG A 224 29.78 -28.22 -9.56
CA ARG A 224 30.09 -27.01 -10.30
CA ARG A 224 30.07 -26.99 -10.31
C ARG A 224 30.23 -27.34 -11.78
C ARG A 224 30.30 -27.28 -11.79
N ASP A 225 31.07 -28.33 -12.10
CA ASP A 225 31.23 -28.77 -13.49
CA ASP A 225 31.22 -28.78 -13.48
C ASP A 225 29.86 -28.99 -14.14
N LEU A 226 28.97 -29.74 -13.46
CA LEU A 226 27.63 -30.00 -13.99
C LEU A 226 26.92 -28.69 -14.32
N ILE A 227 26.95 -27.74 -13.40
CA ILE A 227 26.20 -26.50 -13.58
C ILE A 227 26.81 -25.68 -14.72
N LEU A 228 28.13 -25.60 -14.77
CA LEU A 228 28.79 -24.97 -15.92
C LEU A 228 28.45 -25.72 -17.20
N THR A 229 28.56 -27.05 -17.20
CA THR A 229 28.23 -27.87 -18.35
C THR A 229 26.85 -27.54 -18.92
N GLU A 230 25.80 -27.93 -18.20
CA GLU A 230 24.41 -27.65 -18.55
C GLU A 230 24.27 -26.24 -19.10
N TYR A 231 25.06 -25.31 -18.58
CA TYR A 231 24.98 -23.94 -19.02
C TYR A 231 25.48 -23.79 -20.46
N GLY A 232 26.46 -24.58 -20.87
CA GLY A 232 26.88 -24.63 -22.26
C GLY A 232 25.86 -25.36 -23.11
N ARG A 233 25.56 -26.62 -22.76
CA ARG A 233 24.50 -27.39 -23.42
C ARG A 233 23.24 -26.56 -23.60
N LYS A 234 22.99 -25.61 -22.69
CA LYS A 234 21.82 -24.78 -22.82
C LYS A 234 22.05 -23.61 -23.77
N TYR A 235 23.18 -22.92 -23.62
CA TYR A 235 23.47 -21.73 -24.42
C TYR A 235 24.41 -22.00 -25.59
N ASN A 236 24.85 -23.24 -25.79
CA ASN A 236 25.76 -23.59 -26.89
C ASN A 236 27.05 -22.75 -26.81
N VAL A 237 27.82 -23.04 -25.78
CA VAL A 237 29.08 -22.35 -25.51
C VAL A 237 30.17 -23.38 -25.24
N MET B 5 -26.50 36.96 -0.33
CA MET B 5 -25.06 37.12 -0.73
C MET B 5 -24.19 37.72 0.39
N ASN B 6 -22.96 37.23 0.59
CA ASN B 6 -22.10 37.68 1.67
C ASN B 6 -20.77 38.22 1.15
N THR B 7 -20.05 38.86 2.07
CA THR B 7 -18.88 39.67 1.75
C THR B 7 -17.74 39.39 2.71
N VAL B 8 -16.55 39.27 2.15
CA VAL B 8 -15.31 39.21 2.94
C VAL B 8 -14.48 40.44 2.57
N PRO B 9 -14.50 41.65 3.38
CA PRO B 9 -13.76 43.15 3.33
C PRO B 9 -12.30 42.73 3.48
N PHE B 10 -11.44 43.48 2.84
CA PHE B 10 -10.01 43.25 3.00
C PHE B 10 -9.50 44.59 3.47
N THR B 11 -8.81 44.63 4.60
CA THR B 11 -8.28 45.87 5.16
C THR B 11 -7.54 46.61 4.05
N SER B 12 -6.68 45.92 3.33
CA SER B 12 -5.84 46.47 2.28
C SER B 12 -5.08 45.34 1.62
N ALA B 13 -4.30 45.65 0.59
CA ALA B 13 -3.49 44.65 -0.11
C ALA B 13 -2.04 45.14 -0.20
N PRO B 14 -1.31 45.10 0.92
CA PRO B 14 0.04 45.70 0.94
C PRO B 14 1.07 44.96 0.13
N ILE B 15 0.92 43.67 -0.11
CA ILE B 15 1.88 42.98 -0.95
C ILE B 15 1.18 42.29 -2.11
N GLU B 16 1.93 42.20 -3.19
CA GLU B 16 1.47 41.59 -4.41
C GLU B 16 1.16 40.12 -4.14
N VAL B 17 -0.02 39.69 -4.56
CA VAL B 17 -0.55 38.38 -4.18
C VAL B 17 -1.55 37.96 -5.24
N THR B 18 -1.59 36.67 -5.51
CA THR B 18 -2.70 36.06 -6.22
C THR B 18 -3.69 35.53 -5.20
N ILE B 19 -4.93 36.04 -5.27
CA ILE B 19 -6.00 35.70 -4.34
C ILE B 19 -6.94 34.74 -5.04
N GLY B 20 -7.23 33.63 -4.38
CA GLY B 20 -8.22 32.67 -4.86
C GLY B 20 -9.47 32.74 -3.99
N ILE B 21 -10.63 32.57 -4.63
CA ILE B 21 -11.86 32.35 -3.89
C ILE B 21 -12.51 31.18 -4.59
N ASP B 22 -12.60 30.07 -3.89
CA ASP B 22 -13.08 28.82 -4.46
C ASP B 22 -12.24 28.58 -5.72
N GLN B 23 -12.85 28.25 -6.85
CA GLN B 23 -12.09 27.92 -8.04
C GLN B 23 -11.68 29.14 -8.85
N TYR B 24 -11.91 30.34 -8.34
CA TYR B 24 -11.60 31.55 -9.07
C TYR B 24 -10.35 32.18 -8.47
N SER B 25 -9.76 33.09 -9.23
CA SER B 25 -8.56 33.73 -8.69
C SER B 25 -8.22 34.94 -9.53
N PHE B 26 -7.55 35.91 -8.90
CA PHE B 26 -7.19 37.15 -9.56
C PHE B 26 -5.92 37.70 -8.93
N ASN B 27 -5.29 38.60 -9.68
CA ASN B 27 -3.99 39.16 -9.33
C ASN B 27 -4.19 40.52 -8.70
N VAL B 28 -3.58 40.74 -7.53
CA VAL B 28 -3.64 42.03 -6.87
C VAL B 28 -2.21 42.58 -6.77
N LYS B 29 -1.99 43.78 -7.28
CA LYS B 29 -0.65 44.34 -7.24
C LYS B 29 -0.38 44.99 -5.89
N GLU B 30 0.90 45.16 -5.59
CA GLU B 30 1.31 45.75 -4.33
C GLU B 30 0.62 47.09 -4.12
N ASN B 31 -0.06 47.23 -2.99
CA ASN B 31 -0.81 48.44 -2.63
C ASN B 31 -1.91 48.81 -3.64
N GLN B 32 -2.38 47.88 -4.46
CA GLN B 32 -3.55 48.16 -5.27
C GLN B 32 -4.78 48.29 -4.36
N PRO B 33 -5.76 49.11 -4.76
CA PRO B 33 -6.89 49.42 -3.84
C PRO B 33 -7.90 48.29 -3.71
N PHE B 34 -7.45 47.13 -3.29
CA PHE B 34 -8.32 45.97 -3.23
C PHE B 34 -8.91 45.83 -1.84
N HIS B 35 -10.23 45.81 -1.73
CA HIS B 35 -10.83 45.78 -0.40
C HIS B 35 -11.80 44.60 -0.26
N GLY B 36 -11.82 43.62 -1.14
CA GLY B 36 -12.41 42.35 -0.75
C GLY B 36 -13.27 41.77 -1.84
N ILE B 37 -14.10 40.83 -1.42
CA ILE B 37 -14.83 39.96 -2.31
C ILE B 37 -16.29 39.97 -1.85
N LYS B 38 -17.19 40.31 -2.75
CA LYS B 38 -18.61 40.44 -2.44
C LYS B 38 -19.41 39.39 -3.22
N ASP B 39 -20.71 39.28 -2.92
CA ASP B 39 -21.63 38.42 -3.66
C ASP B 39 -21.23 36.95 -3.51
N ILE B 40 -20.72 36.59 -2.35
CA ILE B 40 -20.30 35.21 -2.12
C ILE B 40 -21.54 34.36 -1.79
N PRO B 41 -21.76 33.27 -2.52
CA PRO B 41 -23.01 32.52 -2.33
C PRO B 41 -23.11 31.94 -0.94
N ILE B 42 -24.21 32.27 -0.28
CA ILE B 42 -24.53 31.68 1.00
C ILE B 42 -24.98 30.24 0.77
N GLY B 43 -24.65 29.39 1.70
CA GLY B 43 -25.14 28.02 1.68
C GLY B 43 -24.06 27.00 1.47
N HIS B 44 -22.83 27.44 1.17
CA HIS B 44 -21.72 26.55 0.92
C HIS B 44 -20.55 26.98 1.79
N VAL B 45 -19.62 26.05 2.00
N VAL B 45 -19.65 26.03 2.07
CA VAL B 45 -18.31 26.38 2.53
CA VAL B 45 -18.34 26.45 2.52
C VAL B 45 -17.42 26.90 1.39
C VAL B 45 -17.61 27.13 1.37
N HIS B 46 -16.60 27.88 1.70
CA HIS B 46 -15.77 28.53 0.72
C HIS B 46 -14.33 28.49 1.19
N VAL B 47 -13.42 28.76 0.29
CA VAL B 47 -12.02 28.86 0.66
C VAL B 47 -11.45 30.07 -0.02
N ILE B 48 -10.74 30.90 0.75
N ILE B 48 -10.81 30.93 0.77
CA ILE B 48 -10.04 32.06 0.22
CA ILE B 48 -10.03 32.06 0.25
C ILE B 48 -8.56 31.84 0.48
C ILE B 48 -8.57 31.71 0.46
N HIS B 49 -7.78 31.89 -0.59
CA HIS B 49 -6.41 31.40 -0.56
C HIS B 49 -5.48 32.36 -1.28
N PHE B 50 -4.18 32.18 -1.02
CA PHE B 50 -3.21 33.22 -1.33
C PHE B 50 -1.94 32.56 -1.79
N GLN B 51 -1.32 33.19 -2.78
CA GLN B 51 0.06 32.88 -3.18
C GLN B 51 0.75 34.22 -3.40
N HIS B 52 1.72 34.54 -2.56
CA HIS B 52 2.46 35.77 -2.69
C HIS B 52 3.24 35.79 -4.00
N ALA B 53 3.34 36.96 -4.62
CA ALA B 53 4.11 37.04 -5.85
C ALA B 53 5.57 36.74 -5.59
N ASP B 54 6.07 37.15 -4.43
CA ASP B 54 7.50 37.10 -4.14
C ASP B 54 7.94 35.71 -3.71
N ASN B 55 7.00 34.88 -3.23
CA ASN B 55 7.35 33.55 -2.73
C ASN B 55 6.16 32.65 -3.01
N SER B 56 6.17 32.04 -4.19
CA SER B 56 5.19 31.02 -4.50
C SER B 56 5.33 29.79 -3.63
N SER B 57 6.37 29.74 -2.80
CA SER B 57 6.40 28.77 -1.71
C SER B 57 5.30 29.12 -0.72
N MET B 58 4.60 28.09 -0.24
N MET B 58 4.60 28.08 -0.28
CA MET B 58 3.48 28.29 0.67
CA MET B 58 3.48 28.21 0.64
C MET B 58 2.30 28.96 -0.04
C MET B 58 2.30 28.93 0.00
N ARG B 59 1.46 28.17 -0.69
CA ARG B 59 0.07 28.56 -0.84
C ARG B 59 -0.58 28.36 0.53
N TYR B 60 -1.53 29.21 0.89
CA TYR B 60 -2.20 29.09 2.16
C TYR B 60 -3.57 29.72 2.01
N GLY B 61 -4.42 29.48 3.00
CA GLY B 61 -5.81 29.92 2.85
C GLY B 61 -6.69 29.51 4.01
N TYR B 62 -7.96 29.91 3.91
CA TYR B 62 -8.93 29.80 5.00
C TYR B 62 -10.22 29.22 4.46
N TRP B 63 -10.68 28.13 5.08
CA TRP B 63 -12.00 27.56 4.88
C TRP B 63 -12.99 28.24 5.82
N PHE B 64 -14.13 28.68 5.29
CA PHE B 64 -15.08 29.42 6.08
C PHE B 64 -16.48 29.26 5.51
N ASP B 65 -17.45 29.59 6.35
CA ASP B 65 -18.88 29.61 6.03
C ASP B 65 -19.44 30.91 6.59
N CYS B 66 -19.89 31.79 5.69
CA CYS B 66 -20.36 33.13 6.05
C CYS B 66 -21.56 33.14 6.99
N ARG B 67 -22.24 32.03 7.13
CA ARG B 67 -23.32 32.00 8.11
C ARG B 67 -22.78 31.96 9.54
N MET B 68 -21.51 31.58 9.72
N MET B 68 -21.51 31.57 9.73
CA MET B 68 -20.97 31.38 11.06
CA MET B 68 -20.96 31.37 11.07
C MET B 68 -20.30 32.62 11.64
C MET B 68 -20.30 32.62 11.64
N GLY B 69 -20.36 33.75 10.95
CA GLY B 69 -19.75 34.96 11.46
C GLY B 69 -19.41 35.90 10.33
N ASN B 70 -19.04 37.13 10.72
CA ASN B 70 -18.55 38.14 9.77
C ASN B 70 -17.03 38.09 9.74
N PHE B 71 -16.48 37.76 8.59
CA PHE B 71 -15.04 37.52 8.46
C PHE B 71 -14.43 38.54 7.52
N TYR B 72 -13.16 38.89 7.78
CA TYR B 72 -12.41 39.83 6.94
C TYR B 72 -10.95 39.38 6.90
N ILE B 73 -10.23 39.94 5.97
CA ILE B 73 -8.82 39.63 5.76
C ILE B 73 -7.99 40.88 6.07
N GLN B 74 -6.90 40.69 6.81
CA GLN B 74 -6.03 41.80 7.04
C GLN B 74 -4.59 41.33 7.07
N TYR B 75 -3.77 41.97 6.28
CA TYR B 75 -2.37 41.57 6.21
C TYR B 75 -1.68 41.84 7.54
N ASP B 76 -0.89 40.87 8.00
CA ASP B 76 -0.08 41.04 9.19
C ASP B 76 1.37 41.20 8.77
N PRO B 77 1.95 42.40 8.87
CA PRO B 77 3.34 42.60 8.40
C PRO B 77 4.39 41.97 9.27
N LYS B 78 4.01 41.46 10.45
CA LYS B 78 4.99 40.78 11.30
C LYS B 78 5.07 39.31 10.91
N ASP B 79 3.93 38.63 10.88
CA ASP B 79 3.86 37.24 10.43
C ASP B 79 3.88 37.12 8.92
N GLY B 80 3.69 38.20 8.18
CA GLY B 80 3.86 38.16 6.76
C GLY B 80 2.81 37.37 6.01
N LEU B 81 1.57 37.42 6.43
CA LEU B 81 0.55 36.78 5.61
C LEU B 81 -0.79 37.46 5.79
N TYR B 82 -1.64 37.21 4.82
CA TYR B 82 -3.02 37.68 4.88
C TYR B 82 -3.76 36.80 5.87
N LYS B 83 -4.31 37.39 6.92
CA LYS B 83 -4.93 36.64 8.00
C LYS B 83 -6.45 36.83 7.96
N MET B 84 -7.18 35.74 8.14
CA MET B 84 -8.61 35.90 8.33
C MET B 84 -8.88 36.24 9.78
N MET B 85 -9.86 37.11 9.99
CA MET B 85 -10.29 37.46 11.33
C MET B 85 -11.81 37.56 11.38
N GLU B 86 -12.36 37.42 12.58
CA GLU B 86 -13.79 37.62 12.80
C GLU B 86 -14.04 39.00 13.40
N GLU B 87 -14.95 39.79 12.82
CA GLU B 87 -15.37 41.06 13.46
C GLU B 87 -16.71 40.73 14.14
N ARG B 88 -16.79 40.87 15.47
CA ARG B 88 -17.97 40.58 16.28
C ARG B 88 -18.96 41.73 16.26
N ASP B 89 -18.48 42.96 16.03
CA ASP B 89 -19.31 44.15 15.97
C ASP B 89 -20.01 44.17 14.61
N GLY B 90 -21.24 43.69 14.60
CA GLY B 90 -21.96 43.53 13.34
C GLY B 90 -22.32 44.85 12.69
N ALA B 91 -22.64 45.86 13.49
CA ALA B 91 -22.88 47.18 12.94
C ALA B 91 -21.63 47.72 12.27
N LYS B 92 -20.50 47.54 12.92
CA LYS B 92 -19.26 48.08 12.35
C LYS B 92 -18.88 47.32 11.08
N PHE B 93 -19.35 46.10 10.90
CA PHE B 93 -19.02 45.29 9.71
C PHE B 93 -19.91 45.66 8.55
N GLU B 94 -21.19 45.77 8.79
CA GLU B 94 -22.08 46.18 7.70
C GLU B 94 -21.67 47.56 7.20
N ASN B 95 -21.28 48.43 8.13
CA ASN B 95 -20.89 49.78 7.76
C ASN B 95 -19.65 49.75 6.89
N ILE B 96 -18.64 49.02 7.31
CA ILE B 96 -17.40 48.99 6.50
C ILE B 96 -17.77 48.37 5.16
N VAL B 97 -18.49 47.25 5.13
CA VAL B 97 -18.78 46.62 3.85
C VAL B 97 -19.53 47.58 2.94
N HIS B 98 -20.53 48.27 3.48
CA HIS B 98 -21.32 49.19 2.66
C HIS B 98 -20.45 50.31 2.09
N ASN B 99 -19.53 50.87 2.87
CA ASN B 99 -18.64 51.91 2.33
C ASN B 99 -17.78 51.36 1.19
N PHE B 100 -17.29 50.16 1.33
CA PHE B 100 -16.37 49.69 0.29
C PHE B 100 -17.18 49.33 -0.95
N LYS B 101 -18.39 48.81 -0.79
CA LYS B 101 -19.25 48.57 -1.94
C LYS B 101 -19.60 49.87 -2.66
N GLU B 102 -19.96 50.91 -1.91
CA GLU B 102 -20.28 52.20 -2.52
C GLU B 102 -19.09 52.72 -3.32
N ARG B 103 -17.88 52.61 -2.78
CA ARG B 103 -16.70 53.01 -3.53
C ARG B 103 -16.24 51.95 -4.53
N GLN B 104 -16.98 50.84 -4.64
CA GLN B 104 -16.73 49.76 -5.61
C GLN B 104 -15.30 49.24 -5.53
N MET B 105 -14.84 48.99 -4.31
CA MET B 105 -13.48 48.51 -4.13
C MET B 105 -13.40 46.98 -4.02
N MET B 106 -14.47 46.26 -4.34
CA MET B 106 -14.52 44.82 -4.16
C MET B 106 -14.75 44.11 -5.49
N VAL B 107 -14.20 42.95 -5.61
CA VAL B 107 -14.46 42.09 -6.76
C VAL B 107 -15.69 41.28 -6.40
N SER B 108 -16.45 40.91 -7.42
CA SER B 108 -17.65 40.12 -7.25
C SER B 108 -17.33 38.64 -7.47
N TYR B 109 -17.77 37.81 -6.54
CA TYR B 109 -17.67 36.36 -6.73
C TYR B 109 -18.33 36.02 -8.06
N PRO B 110 -17.58 35.53 -9.04
CA PRO B 110 -18.05 35.56 -10.41
C PRO B 110 -18.69 34.25 -10.81
N LYS B 111 -19.72 33.82 -10.08
CA LYS B 111 -20.41 32.59 -10.44
C LYS B 111 -21.33 32.83 -11.63
N ILE B 112 -21.12 32.02 -12.68
CA ILE B 112 -22.05 31.88 -13.79
C ILE B 112 -23.31 31.15 -13.32
N ASP B 113 -24.48 31.59 -13.82
CA ASP B 113 -25.73 31.06 -13.28
C ASP B 113 -25.89 29.57 -13.56
N GLU B 114 -25.54 29.11 -14.76
CA GLU B 114 -25.67 27.70 -15.08
C GLU B 114 -24.79 26.79 -14.23
N ASP B 115 -23.80 27.35 -13.54
CA ASP B 115 -22.62 26.60 -13.10
C ASP B 115 -22.77 26.08 -11.68
N ASP B 116 -22.84 24.75 -11.52
CA ASP B 116 -22.92 24.11 -10.22
C ASP B 116 -21.58 23.53 -9.80
N THR B 117 -20.49 23.97 -10.40
CA THR B 117 -19.19 23.35 -10.08
C THR B 117 -18.90 23.38 -8.59
N TRP B 118 -19.01 24.54 -7.97
CA TRP B 118 -18.58 24.63 -6.58
C TRP B 118 -19.47 23.77 -5.69
N TYR B 119 -20.78 23.86 -5.91
CA TYR B 119 -21.70 22.96 -5.22
C TYR B 119 -21.26 21.51 -5.37
N ASN B 120 -20.98 21.09 -6.61
CA ASN B 120 -20.68 19.69 -6.85
C ASN B 120 -19.37 19.28 -6.18
N LEU B 121 -18.45 20.22 -6.01
CA LEU B 121 -17.16 19.90 -5.36
C LEU B 121 -17.25 19.91 -3.84
N THR B 122 -18.28 20.53 -3.27
CA THR B 122 -18.38 20.74 -1.83
C THR B 122 -19.70 20.19 -1.29
N GLU B 123 -20.41 19.36 -2.07
CA GLU B 123 -21.76 18.93 -1.72
C GLU B 123 -21.83 18.39 -0.30
N PHE B 124 -20.88 17.53 0.10
CA PHE B 124 -20.89 16.91 1.40
C PHE B 124 -19.95 17.56 2.42
N VAL B 125 -19.34 18.69 2.07
CA VAL B 125 -18.32 19.30 2.93
C VAL B 125 -19.03 20.23 3.90
N GLN B 126 -18.78 20.05 5.19
N GLN B 126 -18.81 20.00 5.18
CA GLN B 126 -19.46 20.79 6.24
CA GLN B 126 -19.40 20.77 6.26
C GLN B 126 -18.44 21.42 7.17
C GLN B 126 -18.29 21.49 7.01
N MET B 127 -18.58 22.72 7.41
CA MET B 127 -17.62 23.46 8.23
C MET B 127 -17.37 22.76 9.56
N ASP B 128 -18.39 22.12 10.14
CA ASP B 128 -18.18 21.45 11.41
C ASP B 128 -17.14 20.34 11.27
N LYS B 129 -17.18 19.59 10.18
CA LYS B 129 -16.22 18.50 9.99
C LYS B 129 -14.84 19.04 9.64
N ILE B 130 -14.77 20.13 8.88
CA ILE B 130 -13.47 20.74 8.59
C ILE B 130 -12.77 21.11 9.87
N ARG B 131 -13.51 21.67 10.84
CA ARG B 131 -12.91 22.17 12.07
C ARG B 131 -12.39 21.02 12.93
N LYS B 132 -12.91 19.81 12.73
CA LYS B 132 -12.37 18.64 13.40
C LYS B 132 -11.11 18.12 12.71
N ILE B 133 -11.03 18.24 11.39
CA ILE B 133 -9.79 17.87 10.71
C ILE B 133 -8.70 18.91 10.99
N VAL B 134 -9.06 20.19 10.99
CA VAL B 134 -8.13 21.30 11.22
C VAL B 134 -8.47 21.86 12.60
N ARG B 135 -7.69 21.51 13.61
CA ARG B 135 -8.01 21.87 14.98
C ARG B 135 -7.48 23.27 15.28
N LYS B 136 -8.40 24.20 15.55
CA LYS B 136 -8.05 25.52 16.06
C LYS B 136 -9.33 26.20 16.51
N ASP B 137 -9.85 25.76 17.63
CA ASP B 137 -11.27 25.95 17.91
C ASP B 137 -11.62 27.35 18.34
N GLU B 138 -10.64 28.21 18.59
CA GLU B 138 -10.94 29.61 18.91
C GLU B 138 -11.34 30.41 17.68
N ASN B 139 -11.11 29.91 16.48
CA ASN B 139 -11.59 30.52 15.26
C ASN B 139 -12.69 29.66 14.65
N GLN B 140 -13.61 30.32 13.94
CA GLN B 140 -14.69 29.68 13.22
C GLN B 140 -14.34 29.33 11.80
N PHE B 141 -13.19 29.77 11.34
CA PHE B 141 -12.65 29.47 10.05
C PHE B 141 -11.39 28.62 10.27
N SER B 142 -10.90 27.98 9.21
CA SER B 142 -9.82 27.02 9.31
C SER B 142 -8.70 27.33 8.33
N TYR B 143 -7.48 27.49 8.87
CA TYR B 143 -6.29 27.70 8.07
C TYR B 143 -5.69 26.40 7.58
N VAL B 144 -5.35 26.38 6.30
CA VAL B 144 -4.63 25.28 5.69
C VAL B 144 -3.52 25.86 4.83
N ASP B 145 -2.41 25.12 4.72
CA ASP B 145 -1.39 25.48 3.75
C ASP B 145 -0.69 24.25 3.15
N SER B 146 0.21 24.54 2.21
CA SER B 146 0.91 23.54 1.42
C SER B 146 1.67 22.55 2.30
N SER B 147 2.24 23.02 3.40
CA SER B 147 3.25 22.24 4.13
C SER B 147 2.65 21.41 5.26
N MET B 148 1.39 21.64 5.63
CA MET B 148 0.83 20.90 6.76
C MET B 148 0.78 19.41 6.48
N THR B 149 1.19 18.62 7.44
CA THR B 149 1.23 17.17 7.31
C THR B 149 0.03 16.59 8.02
N THR B 150 -0.28 15.34 7.68
CA THR B 150 -1.43 14.67 8.25
C THR B 150 -1.01 13.86 9.46
N VAL B 151 -2.01 13.53 10.30
CA VAL B 151 -1.76 12.71 11.48
C VAL B 151 -1.04 11.42 11.08
N GLN B 152 -1.43 10.83 9.94
CA GLN B 152 -0.79 9.60 9.47
C GLN B 152 0.63 9.86 8.99
N GLU B 153 0.87 11.00 8.33
CA GLU B 153 2.23 11.34 7.93
C GLU B 153 3.13 11.50 9.15
N ASN B 154 2.58 12.04 10.26
CA ASN B 154 3.34 12.22 11.50
C ASN B 154 3.60 10.91 12.22
N GLU B 155 2.83 9.86 11.91
CA GLU B 155 3.11 8.53 12.43
C GLU B 155 4.21 7.82 11.64
N LEU B 156 4.50 8.30 10.43
CA LEU B 156 5.47 7.65 9.56
C LEU B 156 6.73 8.53 9.40
N SER B 161 5.98 17.51 12.53
CA SER B 161 5.86 16.68 13.72
C SER B 161 5.06 17.41 14.79
N ASP B 162 4.69 18.67 14.51
CA ASP B 162 3.93 19.51 15.43
C ASP B 162 2.44 19.15 15.37
N PRO B 163 1.90 18.45 16.38
CA PRO B 163 0.51 17.97 16.26
C PRO B 163 -0.53 19.08 16.10
N ALA B 164 -0.26 20.28 16.60
CA ALA B 164 -1.28 21.35 16.58
C ALA B 164 -1.57 21.81 15.17
N HIS B 165 -0.58 21.74 14.28
CA HIS B 165 -0.66 22.26 12.93
C HIS B 165 -0.85 21.13 11.91
N SER B 166 -1.57 20.08 12.30
CA SER B 166 -1.73 18.90 11.47
C SER B 166 -3.12 18.86 10.85
N LEU B 167 -3.23 18.08 9.78
CA LEU B 167 -4.53 17.73 9.20
C LEU B 167 -4.96 16.38 9.79
N ASN B 168 -5.98 16.40 10.63
N ASN B 168 -6.00 16.41 10.61
CA ASN B 168 -6.42 15.19 11.35
CA ASN B 168 -6.52 15.27 11.34
C ASN B 168 -7.45 14.40 10.54
C ASN B 168 -7.51 14.46 10.49
N TYR B 169 -7.01 13.98 9.36
CA TYR B 169 -7.82 13.12 8.51
C TYR B 169 -7.93 11.74 9.15
N THR B 170 -8.98 11.04 8.78
CA THR B 170 -9.21 9.68 9.25
C THR B 170 -8.13 8.76 8.70
N VAL B 171 -7.40 8.08 9.58
CA VAL B 171 -6.33 7.20 9.12
C VAL B 171 -6.92 5.98 8.43
N ILE B 172 -6.51 5.75 7.19
CA ILE B 172 -6.85 4.57 6.42
C ILE B 172 -5.55 3.84 6.12
N ASN B 173 -5.50 2.55 6.41
CA ASN B 173 -4.27 1.80 6.20
C ASN B 173 -4.63 0.35 5.93
N PHE B 174 -4.40 -0.10 4.71
CA PHE B 174 -4.98 -1.37 4.27
C PHE B 174 -4.27 -2.55 4.90
N LYS B 175 -3.06 -2.34 5.40
CA LYS B 175 -2.30 -3.42 6.07
C LYS B 175 -2.19 -3.06 7.54
N SER B 176 -3.33 -3.12 8.21
CA SER B 176 -3.45 -2.74 9.59
C SER B 176 -4.45 -3.66 10.25
N ARG B 177 -4.30 -3.83 11.56
CA ARG B 177 -5.25 -4.70 12.24
C ARG B 177 -6.65 -4.16 12.10
N GLU B 178 -6.81 -2.85 11.99
CA GLU B 178 -8.14 -2.29 11.81
C GLU B 178 -8.77 -2.77 10.52
N ALA B 179 -7.95 -2.91 9.48
CA ALA B 179 -8.45 -3.25 8.17
C ALA B 179 -8.72 -4.72 8.01
N ILE B 180 -8.10 -5.55 8.84
CA ILE B 180 -7.97 -6.97 8.58
C ILE B 180 -8.46 -7.73 9.79
N ARG B 181 -9.56 -8.48 9.62
CA ARG B 181 -10.09 -9.30 10.70
C ARG B 181 -9.26 -10.57 10.87
N PRO B 182 -8.85 -10.89 12.09
CA PRO B 182 -8.17 -12.17 12.33
C PRO B 182 -8.99 -13.31 11.75
N GLY B 183 -8.35 -14.14 10.92
CA GLY B 183 -9.00 -15.25 10.28
C GLY B 183 -9.60 -14.96 8.94
N HIS B 184 -9.73 -13.69 8.56
CA HIS B 184 -10.13 -13.29 7.23
C HIS B 184 -9.05 -12.45 6.56
N GLU B 185 -7.78 -12.80 6.81
CA GLU B 185 -6.67 -12.03 6.25
C GLU B 185 -6.77 -11.92 4.74
N MET B 186 -6.87 -13.05 4.05
CA MET B 186 -6.95 -12.97 2.59
C MET B 186 -8.25 -12.29 2.16
N GLU B 187 -9.37 -12.69 2.75
CA GLU B 187 -10.64 -12.13 2.32
C GLU B 187 -10.66 -10.61 2.48
N ASP B 188 -10.29 -10.14 3.66
CA ASP B 188 -10.42 -8.72 3.96
C ASP B 188 -9.41 -7.87 3.19
N PHE B 189 -8.28 -8.45 2.79
CA PHE B 189 -7.26 -7.67 2.08
C PHE B 189 -7.63 -7.54 0.61
N LEU B 190 -8.22 -8.59 0.04
CA LEU B 190 -8.61 -8.59 -1.36
C LEU B 190 -9.98 -7.96 -1.62
N ASP B 191 -10.87 -7.99 -0.64
CA ASP B 191 -12.21 -7.39 -0.70
C ASP B 191 -12.36 -6.57 0.58
N LYS B 192 -12.24 -5.25 0.46
CA LYS B 192 -12.19 -4.40 1.65
C LYS B 192 -13.57 -4.00 2.17
N SER B 193 -14.63 -4.75 1.81
CA SER B 193 -15.98 -4.31 2.17
C SER B 193 -16.17 -4.18 3.67
N TYR B 194 -15.58 -5.09 4.47
N TYR B 194 -15.59 -5.11 4.45
N TYR B 194 -15.60 -5.11 4.46
CA TYR B 194 -15.80 -4.98 5.90
CA TYR B 194 -15.70 -5.05 5.90
CA TYR B 194 -15.77 -5.01 5.90
C TYR B 194 -15.13 -3.73 6.45
C TYR B 194 -15.14 -3.74 6.42
C TYR B 194 -15.15 -3.73 6.42
N TYR B 195 -13.95 -3.39 5.93
CA TYR B 195 -13.26 -2.20 6.39
C TYR B 195 -14.04 -0.95 5.99
N LEU B 196 -14.56 -0.92 4.78
CA LEU B 196 -15.36 0.23 4.32
C LEU B 196 -16.66 0.32 5.07
N ASN B 197 -17.45 -0.77 5.05
CA ASN B 197 -18.83 -0.66 5.47
C ASN B 197 -18.97 -0.72 6.98
N THR B 198 -18.24 -1.61 7.64
CA THR B 198 -18.38 -1.78 9.08
C THR B 198 -17.40 -0.89 9.84
N VAL B 199 -16.12 -0.96 9.52
CA VAL B 199 -15.15 -0.17 10.27
C VAL B 199 -15.35 1.31 10.00
N MET B 200 -15.37 1.70 8.73
CA MET B 200 -15.28 3.11 8.40
C MET B 200 -16.65 3.77 8.37
N LEU B 201 -17.56 3.23 7.57
CA LEU B 201 -18.87 3.85 7.41
C LEU B 201 -19.72 3.73 8.68
N GLN B 202 -19.95 2.50 9.15
N GLN B 202 -19.95 2.50 9.15
CA GLN B 202 -20.76 2.32 10.36
CA GLN B 202 -20.76 2.35 10.36
C GLN B 202 -20.01 2.79 11.60
C GLN B 202 -20.00 2.82 11.60
N GLY B 203 -18.71 2.50 11.68
CA GLY B 203 -17.95 2.77 12.89
C GLY B 203 -17.46 4.20 13.13
N ILE B 204 -16.88 4.83 12.10
CA ILE B 204 -16.13 6.06 12.27
C ILE B 204 -16.86 7.24 11.65
N PHE B 205 -17.22 7.13 10.38
CA PHE B 205 -17.87 8.24 9.69
C PHE B 205 -19.35 8.31 9.98
N LYS B 206 -19.98 7.18 10.33
CA LYS B 206 -21.40 7.08 10.66
C LYS B 206 -22.30 7.01 9.44
N ASN B 207 -21.99 7.77 8.38
CA ASN B 207 -22.75 7.72 7.14
C ASN B 207 -21.84 8.05 5.96
N SER B 208 -22.34 7.82 4.75
CA SER B 208 -21.52 8.05 3.57
C SER B 208 -21.32 9.52 3.30
N SER B 209 -22.27 10.36 3.73
CA SER B 209 -22.11 11.79 3.53
C SER B 209 -20.85 12.32 4.23
N ASN B 210 -20.64 11.92 5.49
CA ASN B 210 -19.44 12.36 6.19
C ASN B 210 -18.18 11.83 5.51
N TYR B 211 -18.26 10.59 5.00
CA TYR B 211 -17.16 10.00 4.25
C TYR B 211 -16.87 10.83 3.00
N PHE B 212 -17.92 11.11 2.22
CA PHE B 212 -17.69 11.88 1.01
C PHE B 212 -17.19 13.27 1.33
N GLY B 213 -17.65 13.85 2.45
CA GLY B 213 -17.21 15.20 2.80
C GLY B 213 -15.72 15.28 3.05
N GLU B 214 -15.18 14.27 3.74
CA GLU B 214 -13.75 14.26 3.99
C GLU B 214 -12.99 14.01 2.71
N LEU B 215 -13.50 13.14 1.86
CA LEU B 215 -12.91 12.88 0.57
C LEU B 215 -12.86 14.14 -0.28
N GLN B 216 -13.95 14.90 -0.30
CA GLN B 216 -14.01 16.11 -1.10
C GLN B 216 -13.06 17.16 -0.54
N PHE B 217 -13.00 17.28 0.78
CA PHE B 217 -12.14 18.23 1.43
C PHE B 217 -10.68 17.91 1.20
N ALA B 218 -10.32 16.61 1.28
CA ALA B 218 -8.94 16.24 0.97
C ALA B 218 -8.59 16.60 -0.47
N PHE B 219 -9.48 16.31 -1.43
CA PHE B 219 -9.18 16.69 -2.80
C PHE B 219 -8.95 18.20 -2.90
N LEU B 220 -9.80 18.98 -2.23
CA LEU B 220 -9.72 20.42 -2.44
C LEU B 220 -8.45 20.98 -1.83
N ASN B 221 -8.00 20.41 -0.70
CA ASN B 221 -6.74 20.87 -0.13
CA ASN B 221 -6.73 20.85 -0.12
C ASN B 221 -5.58 20.46 -1.02
N ALA B 222 -5.69 19.26 -1.65
CA ALA B 222 -4.69 18.82 -2.60
C ALA B 222 -4.59 19.79 -3.76
N MET B 223 -5.74 20.18 -4.31
CA MET B 223 -5.73 21.01 -5.50
C MET B 223 -5.32 22.45 -5.19
N PHE B 224 -5.92 23.05 -4.18
CA PHE B 224 -5.69 24.46 -3.97
C PHE B 224 -4.37 24.75 -3.29
N PHE B 225 -3.83 23.82 -2.50
CA PHE B 225 -2.61 24.08 -1.77
C PHE B 225 -1.49 23.13 -2.16
N GLY B 226 -1.73 22.18 -3.05
CA GLY B 226 -0.70 21.18 -3.33
C GLY B 226 -0.30 20.44 -2.08
N ASN B 227 -1.25 20.22 -1.19
CA ASN B 227 -0.98 19.56 0.08
C ASN B 227 -0.86 18.07 -0.18
N TYR B 228 0.36 17.54 -0.02
CA TYR B 228 0.62 16.19 -0.48
C TYR B 228 -0.14 15.17 0.35
N GLY B 229 -0.20 15.34 1.67
CA GLY B 229 -0.91 14.37 2.51
C GLY B 229 -2.40 14.37 2.26
N SER B 230 -2.92 15.51 1.81
CA SER B 230 -4.33 15.54 1.40
C SER B 230 -4.55 14.73 0.13
N SER B 231 -3.62 14.82 -0.82
CA SER B 231 -3.71 13.97 -2.00
C SER B 231 -3.67 12.50 -1.61
N LEU B 232 -2.76 12.13 -0.69
CA LEU B 232 -2.73 10.74 -0.23
C LEU B 232 -4.08 10.31 0.34
N GLN B 233 -4.70 11.18 1.13
CA GLN B 233 -5.96 10.86 1.78
C GLN B 233 -7.07 10.70 0.74
N TRP B 234 -7.14 11.60 -0.22
CA TRP B 234 -8.16 11.52 -1.28
C TRP B 234 -8.05 10.19 -2.02
N HIS B 235 -6.82 9.81 -2.43
CA HIS B 235 -6.68 8.57 -3.17
C HIS B 235 -7.00 7.36 -2.32
N ALA B 236 -6.63 7.39 -1.03
CA ALA B 236 -6.91 6.25 -0.17
C ALA B 236 -8.39 6.06 0.01
N MET B 237 -9.13 7.16 0.08
CA MET B 237 -10.58 7.01 0.27
C MET B 237 -11.27 6.54 -1.00
N ILE B 238 -10.74 6.90 -2.16
CA ILE B 238 -11.22 6.35 -3.41
C ILE B 238 -10.93 4.86 -3.46
N GLU B 239 -9.67 4.52 -3.19
CA GLU B 239 -9.25 3.13 -3.34
C GLU B 239 -10.03 2.21 -2.41
N LEU B 240 -10.32 2.65 -1.17
CA LEU B 240 -11.07 1.80 -0.26
C LEU B 240 -12.45 1.44 -0.81
N ILE B 241 -13.12 2.40 -1.46
CA ILE B 241 -14.40 2.10 -2.09
C ILE B 241 -14.21 1.19 -3.29
N CYS B 242 -13.24 1.50 -4.16
CA CYS B 242 -13.10 0.74 -5.39
C CYS B 242 -12.67 -0.68 -5.11
N SER B 243 -11.94 -0.89 -4.02
CA SER B 243 -11.45 -2.20 -3.61
C SER B 243 -12.42 -2.96 -2.74
N SER B 244 -13.66 -2.52 -2.64
CA SER B 244 -14.69 -3.22 -1.89
C SER B 244 -15.68 -3.81 -2.88
N ALA B 245 -15.95 -5.12 -2.75
CA ALA B 245 -16.88 -5.80 -3.66
C ALA B 245 -18.32 -5.40 -3.38
N THR B 246 -18.63 -4.99 -2.15
CA THR B 246 -19.99 -4.68 -1.71
C THR B 246 -20.07 -3.21 -1.27
N VAL B 247 -20.63 -2.39 -2.14
CA VAL B 247 -20.80 -0.97 -1.86
C VAL B 247 -22.26 -0.62 -2.14
N PRO B 248 -22.94 0.09 -1.25
CA PRO B 248 -24.31 0.53 -1.59
C PRO B 248 -24.36 1.24 -2.94
N LYS B 249 -25.44 0.97 -3.67
CA LYS B 249 -25.52 1.42 -5.06
C LYS B 249 -25.51 2.94 -5.12
N HIS B 250 -26.09 3.59 -4.11
CA HIS B 250 -26.19 5.04 -4.08
C HIS B 250 -24.84 5.67 -3.84
N MET B 251 -23.98 4.99 -3.09
CA MET B 251 -22.65 5.52 -2.89
C MET B 251 -21.84 5.46 -4.18
N LEU B 252 -21.97 4.36 -4.93
CA LEU B 252 -21.24 4.22 -6.18
C LEU B 252 -21.65 5.31 -7.15
N ASP B 253 -22.95 5.54 -7.28
CA ASP B 253 -23.40 6.57 -8.20
C ASP B 253 -22.93 7.94 -7.75
N LYS B 254 -22.98 8.20 -6.44
CA LYS B 254 -22.55 9.52 -5.99
C LYS B 254 -21.05 9.68 -6.14
N LEU B 255 -20.28 8.63 -5.80
CA LEU B 255 -18.82 8.66 -6.00
C LEU B 255 -18.48 9.01 -7.44
N ASP B 256 -19.18 8.38 -8.40
CA ASP B 256 -18.90 8.68 -9.80
C ASP B 256 -19.11 10.16 -10.10
N GLU B 257 -20.15 10.77 -9.50
CA GLU B 257 -20.40 12.20 -9.74
C GLU B 257 -19.33 13.04 -9.06
N ILE B 258 -18.94 12.64 -7.86
CA ILE B 258 -17.96 13.42 -7.11
C ILE B 258 -16.66 13.49 -7.86
N LEU B 259 -16.17 12.32 -8.28
CA LEU B 259 -14.89 12.22 -8.96
C LEU B 259 -14.95 12.90 -10.29
N TYR B 260 -16.08 12.78 -10.99
CA TYR B 260 -16.24 13.43 -12.28
C TYR B 260 -15.94 14.91 -12.16
N TYR B 261 -16.56 15.59 -11.19
CA TYR B 261 -16.37 17.04 -11.08
C TYR B 261 -14.97 17.39 -10.58
N GLN B 262 -14.34 16.52 -9.80
CA GLN B 262 -12.96 16.74 -9.36
C GLN B 262 -12.03 16.65 -10.54
N ILE B 263 -12.16 15.59 -11.33
CA ILE B 263 -11.34 15.43 -12.52
C ILE B 263 -11.62 16.58 -13.49
N LYS B 264 -12.89 16.99 -13.58
CA LYS B 264 -13.20 18.08 -14.50
C LYS B 264 -12.50 19.37 -14.10
N THR B 265 -12.42 19.61 -12.80
CA THR B 265 -11.95 20.90 -12.31
C THR B 265 -10.44 20.96 -12.22
N LEU B 266 -9.78 19.82 -12.10
CA LEU B 266 -8.32 19.82 -11.92
C LEU B 266 -7.63 20.59 -13.05
N PRO B 267 -6.66 21.45 -12.74
CA PRO B 267 -5.84 22.03 -13.80
C PRO B 267 -5.18 20.94 -14.63
N GLU B 268 -5.30 21.07 -15.95
CA GLU B 268 -4.68 20.10 -16.85
C GLU B 268 -3.18 19.96 -16.53
N GLN B 269 -2.53 21.06 -16.22
CA GLN B 269 -1.09 21.04 -16.02
C GLN B 269 -0.67 20.45 -14.68
N TYR B 270 -1.60 20.14 -13.78
CA TYR B 270 -1.27 19.56 -12.48
C TYR B 270 -1.57 18.07 -12.41
N SER B 271 -2.08 17.48 -13.50
CA SER B 271 -2.49 16.09 -13.47
C SER B 271 -1.30 15.18 -13.18
N ASP B 272 -0.10 15.60 -13.58
CA ASP B 272 1.06 14.75 -13.39
C ASP B 272 1.38 14.51 -11.92
N ILE B 273 1.12 15.49 -11.04
CA ILE B 273 1.49 15.39 -9.64
C ILE B 273 0.32 14.97 -8.76
N LEU B 274 -0.89 15.44 -9.04
CA LEU B 274 -2.03 15.20 -8.16
C LEU B 274 -2.76 13.89 -8.46
N LEU B 275 -2.39 13.15 -9.49
CA LEU B 275 -3.13 11.95 -9.87
C LEU B 275 -2.21 10.75 -9.78
N ASN B 276 -2.57 9.81 -8.91
CA ASN B 276 -1.77 8.60 -8.70
C ASN B 276 -2.13 7.56 -9.73
N GLU B 277 -1.19 7.34 -10.66
CA GLU B 277 -1.39 6.40 -11.75
C GLU B 277 -1.86 5.04 -11.25
N ARG B 278 -1.23 4.52 -10.19
CA ARG B 278 -1.56 3.18 -9.74
C ARG B 278 -3.00 3.11 -9.24
N VAL B 279 -3.40 4.08 -8.44
CA VAL B 279 -4.74 4.01 -7.87
C VAL B 279 -5.79 4.13 -8.96
N TRP B 280 -5.62 5.10 -9.85
CA TRP B 280 -6.62 5.34 -10.88
C TRP B 280 -6.73 4.15 -11.81
N ASN B 281 -5.60 3.60 -12.25
CA ASN B 281 -5.66 2.45 -13.13
C ASN B 281 -6.29 1.27 -12.43
N ILE B 282 -5.90 1.03 -11.18
CA ILE B 282 -6.51 -0.02 -10.38
C ILE B 282 -8.01 0.20 -10.27
N CYS B 283 -8.40 1.43 -9.89
CA CYS B 283 -9.81 1.70 -9.63
C CYS B 283 -10.64 1.61 -10.89
N LEU B 284 -10.13 2.12 -12.02
CA LEU B 284 -10.92 2.15 -13.24
C LEU B 284 -10.89 0.83 -14.01
N TYR B 285 -9.87 0.01 -13.83
CA TYR B 285 -9.64 -1.11 -14.73
C TYR B 285 -9.44 -2.46 -14.05
N SER B 286 -9.12 -2.51 -12.77
CA SER B 286 -8.96 -3.78 -12.09
C SER B 286 -9.94 -4.02 -10.96
N SER B 287 -10.40 -2.98 -10.30
CA SER B 287 -11.07 -3.14 -9.02
C SER B 287 -12.44 -3.75 -9.22
N PHE B 288 -13.09 -4.05 -8.10
CA PHE B 288 -14.46 -4.52 -8.12
C PHE B 288 -15.37 -3.53 -8.81
N GLN B 289 -15.08 -2.25 -8.67
CA GLN B 289 -15.96 -1.20 -9.17
C GLN B 289 -15.50 -0.65 -10.52
N LYS B 290 -14.65 -1.41 -11.24
CA LYS B 290 -14.10 -0.98 -12.52
C LYS B 290 -15.16 -0.62 -13.54
N ASN B 291 -16.38 -1.13 -13.37
CA ASN B 291 -17.48 -0.92 -14.30
C ASN B 291 -18.54 0.02 -13.76
N SER B 292 -18.30 0.63 -12.60
CA SER B 292 -19.32 1.37 -11.89
C SER B 292 -19.08 2.88 -11.89
N LEU B 293 -18.02 3.34 -12.53
CA LEU B 293 -17.71 4.76 -12.48
C LEU B 293 -17.68 5.30 -13.91
N HIS B 294 -18.83 5.25 -14.58
CA HIS B 294 -18.89 5.49 -16.01
C HIS B 294 -18.52 6.91 -16.34
N ASN B 295 -19.04 7.87 -15.60
CA ASN B 295 -18.74 9.26 -15.90
C ASN B 295 -17.27 9.57 -15.64
N THR B 296 -16.78 9.10 -14.51
CA THR B 296 -15.39 9.36 -14.15
C THR B 296 -14.45 8.72 -15.17
N GLU B 297 -14.73 7.47 -15.56
CA GLU B 297 -13.87 6.79 -16.52
C GLU B 297 -13.89 7.50 -17.87
N LYS B 298 -15.06 7.95 -18.31
CA LYS B 298 -15.11 8.68 -19.58
C LYS B 298 -14.31 9.96 -19.54
N ILE B 299 -14.43 10.75 -18.46
CA ILE B 299 -13.70 12.01 -18.44
C ILE B 299 -12.21 11.74 -18.26
N MET B 300 -11.85 10.73 -17.47
CA MET B 300 -10.43 10.42 -17.28
C MET B 300 -9.77 10.04 -18.60
N GLU B 301 -10.41 9.13 -19.35
CA GLU B 301 -9.91 8.66 -20.64
C GLU B 301 -9.84 9.76 -21.69
N ASN B 302 -10.75 10.72 -21.65
CA ASN B 302 -10.71 11.75 -22.68
C ASN B 302 -9.77 12.88 -22.31
N LYS B 303 -9.50 13.09 -21.03
CA LYS B 303 -8.70 14.21 -20.56
C LYS B 303 -7.29 13.82 -20.17
N TYR B 304 -7.10 12.65 -19.57
CA TYR B 304 -5.77 12.19 -19.16
C TYR B 304 -5.52 10.75 -19.60
N PRO B 305 -5.61 10.47 -20.90
CA PRO B 305 -5.37 9.09 -21.37
C PRO B 305 -3.91 8.69 -21.23
N GLU B 306 -3.01 9.65 -21.15
CA GLU B 306 -1.62 9.34 -20.86
C GLU B 306 -1.52 8.58 -19.54
N LEU B 307 -2.12 9.13 -18.49
CA LEU B 307 -2.06 8.49 -17.18
C LEU B 307 -2.51 7.05 -17.21
N LEU B 308 -3.26 6.66 -18.23
CA LEU B 308 -3.81 5.31 -18.30
C LEU B 308 -3.34 4.65 -19.59
N1 WDC C . 12.14 -26.81 14.59
C7 WDC C . 13.36 -27.90 12.87
C8 WDC C . 14.37 -28.77 12.49
C9 WDC C . 15.15 -29.40 13.44
C1 WDC C . 14.11 -31.76 15.81
C5 WDC C . 13.96 -28.31 15.20
C6 WDC C . 13.14 -27.67 14.22
C4 WDC C . 14.97 -29.16 14.79
C3 WDC C . 15.84 -29.79 15.84
C2 WDC C . 13.92 -33.13 16.50
CL WDC C . 16.35 -30.50 12.88
N WDC C . 15.54 -31.32 16.06
C WDC C . 16.46 -32.21 15.21
O WDC C . 12.56 -33.41 16.62
N1 WDC D . -13.21 45.61 12.04
C7 WDC D . -13.54 44.80 9.79
C8 WDC D . -13.19 44.83 8.49
C9 WDC D . -12.21 45.68 8.06
C1 WDC D . -12.04 49.60 7.88
C5 WDC D . -11.82 46.51 10.31
C6 WDC D . -12.87 45.63 10.73
C4 WDC D . -11.52 46.56 8.96
C3 WDC D . -10.58 47.60 8.46
C2 WDC D . -11.02 50.53 8.53
CL WDC D . -11.82 45.55 6.39
N WDC D . -11.32 48.38 7.34
C WDC D . -10.34 48.86 6.29
O WDC D . -11.49 51.84 8.49
#